data_2NPM
#
_entry.id   2NPM
#
_cell.length_a   104.125
_cell.length_b   104.125
_cell.length_c   148.877
_cell.angle_alpha   90.00
_cell.angle_beta   90.00
_cell.angle_gamma   90.00
#
_symmetry.space_group_name_H-M   'P 41 21 2'
#
loop_
_entity.id
_entity.type
_entity.pdbx_description
1 polymer '14-3-3 domain containing protein'
2 polymer 'CONSENSUS PEPTIDE FOR 14-3-3 PROTEINS'
3 water water
#
loop_
_entity_poly.entity_id
_entity_poly.type
_entity_poly.pdbx_seq_one_letter_code
_entity_poly.pdbx_strand_id
1 'polypeptide(L)'
;GILRTQHTIRDSELNIKNSKMSDSVNARESNVYMAKLAEQAERYDEMAKYMKDVVEARQESEELTVEERNLLSVAYKNAV
GSRRSSWRIISSVEQKEHSRNAEDASKMCGKYRSKVEAELTDICNDILTMLDKHLIPTATSPDSKVFYFKMKGDYHRYIS
EFSTGDSKQSSAEDALKAYKDATVVAKDLEPTHPIRLGLALNFSVFHYEILNEPRAAIDMAKEAFEMAIEQLDKLSEDCY
KDSTLIMQLLRDNLTLWTAD
;
A,B
2 'polypeptide(L)' RAI(SEP)LP X,Y
#
# COMPACT_ATOMS: atom_id res chain seq x y z
N MET A 21 3.19 -21.53 31.95
CA MET A 21 2.79 -20.32 31.17
C MET A 21 4.00 -19.49 30.71
N SER A 22 5.20 -20.02 30.96
CA SER A 22 6.44 -19.39 30.50
C SER A 22 6.48 -19.35 28.97
N ASP A 23 5.91 -20.38 28.35
CA ASP A 23 5.78 -20.45 26.90
C ASP A 23 4.78 -19.40 26.38
N SER A 24 3.91 -18.93 27.27
CA SER A 24 2.89 -17.92 26.93
C SER A 24 3.43 -16.49 26.94
N VAL A 25 4.35 -16.20 27.87
CA VAL A 25 5.03 -14.91 27.92
C VAL A 25 5.87 -14.66 26.65
N ASN A 26 6.59 -15.70 26.23
CA ASN A 26 7.42 -15.65 25.01
C ASN A 26 6.57 -15.53 23.73
N ALA A 27 5.50 -16.32 23.63
CA ALA A 27 4.62 -16.28 22.45
C ALA A 27 4.04 -14.90 22.28
N ARG A 28 3.72 -14.24 23.39
CA ARG A 28 3.22 -12.88 23.31
C ARG A 28 4.31 -11.87 22.87
N GLU A 29 5.49 -11.94 23.50
CA GLU A 29 6.62 -11.06 23.13
C GLU A 29 7.01 -11.22 21.67
N SER A 30 6.87 -12.45 21.17
CA SER A 30 7.19 -12.79 19.79
C SER A 30 6.18 -12.20 18.78
N ASN A 31 4.90 -12.33 19.07
CA ASN A 31 3.88 -11.77 18.19
C ASN A 31 3.96 -10.24 18.13
N VAL A 32 4.29 -9.63 19.27
CA VAL A 32 4.47 -8.16 19.35
C VAL A 32 5.63 -7.73 18.46
N TYR A 33 6.75 -8.46 18.57
CA TYR A 33 7.90 -8.26 17.69
C TYR A 33 7.51 -8.40 16.22
N MET A 34 6.75 -9.44 15.88
CA MET A 34 6.32 -9.61 14.49
C MET A 34 5.30 -8.57 14.06
N ALA A 35 4.38 -8.23 14.96
CA ALA A 35 3.47 -7.11 14.67
C ALA A 35 4.28 -5.85 14.30
N LYS A 36 5.33 -5.54 15.07
CA LYS A 36 6.14 -4.36 14.81
C LYS A 36 6.93 -4.46 13.50
N LEU A 37 7.40 -5.66 13.16
CA LEU A 37 8.13 -5.89 11.94
C LEU A 37 7.25 -5.78 10.70
N ALA A 38 6.04 -6.35 10.79
CA ALA A 38 5.04 -6.28 9.73
C ALA A 38 4.68 -4.83 9.46
N GLU A 39 4.68 -4.02 10.51
CA GLU A 39 4.36 -2.61 10.38
C GLU A 39 5.48 -1.92 9.58
N GLN A 40 6.73 -2.11 10.01
CA GLN A 40 7.90 -1.60 9.27
C GLN A 40 7.90 -2.08 7.82
N ALA A 41 7.49 -3.32 7.58
CA ALA A 41 7.35 -3.89 6.23
C ALA A 41 6.10 -3.40 5.49
N GLU A 42 5.21 -2.73 6.22
CA GLU A 42 3.97 -2.19 5.64
C GLU A 42 3.06 -3.27 5.08
N ARG A 43 3.02 -4.40 5.78
CA ARG A 43 2.15 -5.52 5.47
C ARG A 43 1.20 -5.57 6.68
N TYR A 44 0.12 -4.80 6.57
CA TYR A 44 -0.82 -4.55 7.68
C TYR A 44 -1.84 -5.65 7.96
N ASP A 45 -2.29 -6.34 6.92
CA ASP A 45 -3.15 -7.51 7.10
C ASP A 45 -2.44 -8.50 8.04
N GLU A 46 -1.17 -8.81 7.76
CA GLU A 46 -0.39 -9.70 8.63
C GLU A 46 -0.09 -9.05 10.00
N MET A 47 0.10 -7.73 10.04
CA MET A 47 0.25 -7.04 11.32
C MET A 47 -1.00 -7.28 12.20
N ALA A 48 -2.18 -7.14 11.59
CA ALA A 48 -3.46 -7.30 12.28
C ALA A 48 -3.56 -8.71 12.89
N LYS A 49 -3.30 -9.71 12.06
CA LYS A 49 -3.28 -11.14 12.45
C LYS A 49 -2.33 -11.47 13.62
N TYR A 50 -1.14 -10.86 13.65
CA TYR A 50 -0.21 -11.05 14.79
C TYR A 50 -0.78 -10.52 16.09
N MET A 51 -1.38 -9.33 16.01
CA MET A 51 -2.01 -8.69 17.15
C MET A 51 -3.30 -9.38 17.56
N LYS A 52 -3.98 -9.99 16.59
CA LYS A 52 -5.18 -10.77 16.87
C LYS A 52 -4.84 -12.02 17.68
N ASP A 53 -3.72 -12.64 17.33
CA ASP A 53 -3.26 -13.82 18.06
C ASP A 53 -2.79 -13.45 19.45
N VAL A 54 -2.41 -12.20 19.66
CA VAL A 54 -2.09 -11.69 20.99
C VAL A 54 -3.37 -11.59 21.79
N VAL A 55 -4.44 -11.10 21.16
CA VAL A 55 -5.72 -10.91 21.83
C VAL A 55 -6.31 -12.27 22.18
N GLU A 56 -6.58 -13.08 21.16
CA GLU A 56 -7.26 -14.37 21.35
C GLU A 56 -6.57 -15.31 22.36
N ALA A 57 -5.29 -15.09 22.63
CA ALA A 57 -4.55 -15.93 23.57
C ALA A 57 -4.04 -15.18 24.82
N ARG A 58 -4.98 -14.70 25.65
CA ARG A 58 -4.64 -13.87 26.83
C ARG A 58 -5.43 -14.24 28.10
N GLN A 59 -4.90 -13.85 29.27
CA GLN A 59 -5.57 -14.01 30.57
C GLN A 59 -6.31 -12.75 31.08
N GLU A 60 -7.54 -12.94 31.57
CA GLU A 60 -8.38 -11.86 32.11
C GLU A 60 -7.87 -11.36 33.46
N GLU A 63 -5.49 -8.17 30.24
CA GLU A 63 -5.48 -6.84 29.64
C GLU A 63 -4.21 -6.63 28.83
N LEU A 64 -4.38 -6.22 27.57
CA LEU A 64 -3.27 -5.80 26.72
C LEU A 64 -2.63 -4.56 27.32
N THR A 65 -1.36 -4.33 27.06
CA THR A 65 -0.71 -3.11 27.55
C THR A 65 -1.07 -1.97 26.62
N VAL A 66 -0.62 -0.76 26.98
CA VAL A 66 -0.80 0.42 26.13
C VAL A 66 -0.13 0.21 24.78
N GLU A 67 1.08 -0.32 24.78
CA GLU A 67 1.80 -0.56 23.52
C GLU A 67 1.04 -1.48 22.56
N GLU A 68 0.48 -2.57 23.08
CA GLU A 68 -0.16 -3.60 22.27
C GLU A 68 -1.49 -3.10 21.75
N ARG A 69 -2.26 -2.53 22.66
CA ARG A 69 -3.55 -1.91 22.36
C ARG A 69 -3.35 -0.99 21.17
N ASN A 70 -2.31 -0.17 21.23
CA ASN A 70 -2.04 0.75 20.14
C ASN A 70 -1.63 0.08 18.86
N LEU A 71 -0.81 -0.98 18.95
CA LEU A 71 -0.46 -1.77 17.77
C LEU A 71 -1.71 -2.39 17.18
N LEU A 72 -2.60 -2.88 18.04
CA LEU A 72 -3.81 -3.51 17.53
C LEU A 72 -4.62 -2.52 16.69
N SER A 73 -4.79 -1.31 17.24
CA SER A 73 -5.57 -0.28 16.59
C SER A 73 -4.96 0.20 15.26
N VAL A 74 -3.65 0.45 15.26
CA VAL A 74 -2.89 0.84 14.05
C VAL A 74 -3.06 -0.22 12.96
N ALA A 75 -2.88 -1.48 13.33
CA ALA A 75 -3.04 -2.61 12.42
C ALA A 75 -4.41 -2.64 11.74
N TYR A 76 -5.49 -2.70 12.52
CA TYR A 76 -6.84 -2.71 11.95
C TYR A 76 -7.15 -1.44 11.20
N LYS A 77 -6.73 -0.32 11.76
CA LYS A 77 -6.96 0.95 11.13
C LYS A 77 -6.38 0.99 9.69
N ASN A 78 -5.14 0.54 9.51
CA ASN A 78 -4.53 0.50 8.17
C ASN A 78 -5.11 -0.58 7.26
N ALA A 79 -5.33 -1.78 7.80
CA ALA A 79 -5.97 -2.83 7.05
C ALA A 79 -7.24 -2.31 6.41
N VAL A 80 -8.11 -1.71 7.22
CA VAL A 80 -9.38 -1.22 6.76
C VAL A 80 -9.21 0.08 5.95
N GLY A 81 -8.21 0.89 6.34
CA GLY A 81 -8.00 2.18 5.72
C GLY A 81 -7.77 2.07 4.23
N SER A 82 -7.00 1.07 3.79
CA SER A 82 -6.71 1.02 2.36
C SER A 82 -7.95 0.56 1.61
N ARG A 83 -8.69 -0.36 2.21
CA ARG A 83 -9.95 -0.75 1.56
C ARG A 83 -10.95 0.44 1.57
N ARG A 84 -10.97 1.27 2.61
CA ARG A 84 -11.94 2.40 2.63
C ARG A 84 -11.59 3.34 1.50
N SER A 85 -10.29 3.56 1.36
CA SER A 85 -9.87 4.51 0.37
C SER A 85 -10.24 4.00 -1.04
N SER A 86 -10.09 2.70 -1.29
CA SER A 86 -10.44 2.10 -2.59
C SER A 86 -11.93 2.18 -2.87
N TRP A 87 -12.73 1.81 -1.86
CA TRP A 87 -14.19 1.93 -1.93
C TRP A 87 -14.61 3.32 -2.43
N ARG A 88 -13.97 4.37 -1.92
CA ARG A 88 -14.38 5.74 -2.24
C ARG A 88 -14.11 6.08 -3.71
N ILE A 89 -12.91 5.74 -4.17
CA ILE A 89 -12.51 5.91 -5.54
C ILE A 89 -13.38 5.09 -6.47
N ILE A 90 -13.64 3.83 -6.15
CA ILE A 90 -14.50 3.04 -7.02
C ILE A 90 -15.91 3.65 -7.04
N SER A 91 -16.49 3.99 -5.89
CA SER A 91 -17.84 4.58 -5.93
C SER A 91 -17.88 5.84 -6.75
N SER A 92 -16.80 6.60 -6.73
CA SER A 92 -16.84 7.85 -7.45
C SER A 92 -16.94 7.59 -8.95
N VAL A 93 -16.15 6.64 -9.43
CA VAL A 93 -16.14 6.25 -10.84
C VAL A 93 -17.47 5.64 -11.25
N GLU A 94 -18.02 4.81 -10.36
CA GLU A 94 -19.34 4.22 -10.55
C GLU A 94 -20.35 5.31 -10.86
N GLN A 95 -20.27 6.42 -10.13
CA GLN A 95 -21.25 7.53 -10.28
C GLN A 95 -21.01 8.36 -11.55
N LYS A 96 -19.76 8.74 -11.84
CA LYS A 96 -19.42 9.43 -13.10
C LYS A 96 -19.98 8.66 -14.28
N GLU A 97 -19.79 7.34 -14.25
CA GLU A 97 -20.42 6.43 -15.23
C GLU A 97 -21.95 6.53 -15.27
N HIS A 98 -22.63 6.27 -14.16
CA HIS A 98 -24.09 6.41 -14.10
C HIS A 98 -24.49 7.75 -14.71
N SER A 99 -23.81 8.82 -14.32
CA SER A 99 -24.08 10.17 -14.83
C SER A 99 -23.80 10.32 -16.33
N ARG A 100 -23.09 9.35 -16.91
CA ARG A 100 -22.72 9.41 -18.32
C ARG A 100 -23.55 8.43 -19.16
N ASN A 101 -24.57 7.84 -18.54
CA ASN A 101 -25.41 6.79 -19.15
C ASN A 101 -24.63 5.56 -19.67
N ALA A 102 -23.43 5.37 -19.12
CA ALA A 102 -22.61 4.21 -19.43
C ALA A 102 -22.91 3.12 -18.41
N GLU A 103 -24.03 2.44 -18.64
CA GLU A 103 -24.63 1.50 -17.69
C GLU A 103 -23.78 0.24 -17.48
N ASP A 104 -23.20 -0.29 -18.56
CA ASP A 104 -22.35 -1.49 -18.51
C ASP A 104 -21.22 -1.26 -17.55
N ALA A 105 -20.47 -0.18 -17.79
CA ALA A 105 -19.30 0.19 -17.02
C ALA A 105 -19.65 0.36 -15.54
N SER A 106 -20.70 1.14 -15.28
CA SER A 106 -21.21 1.31 -13.93
C SER A 106 -21.40 -0.05 -13.24
N LYS A 107 -22.05 -0.99 -13.92
CA LYS A 107 -22.41 -2.23 -13.25
C LYS A 107 -21.14 -2.96 -12.84
N MET A 108 -20.12 -2.90 -13.70
CA MET A 108 -18.79 -3.45 -13.43
C MET A 108 -18.11 -2.79 -12.22
N CYS A 109 -18.05 -1.46 -12.24
CA CYS A 109 -17.62 -0.71 -11.10
C CYS A 109 -18.36 -1.18 -9.86
N GLY A 110 -19.69 -1.27 -10.00
CA GLY A 110 -20.57 -1.81 -8.96
C GLY A 110 -20.11 -3.15 -8.43
N LYS A 111 -19.86 -4.11 -9.32
CA LYS A 111 -19.41 -5.43 -8.87
C LYS A 111 -18.04 -5.29 -8.17
N TYR A 112 -17.16 -4.43 -8.68
CA TYR A 112 -15.88 -4.28 -8.07
C TYR A 112 -15.99 -3.68 -6.65
N ARG A 113 -16.92 -2.73 -6.47
CA ARG A 113 -17.17 -2.13 -5.17
C ARG A 113 -17.65 -3.15 -4.16
N SER A 114 -18.44 -4.12 -4.62
CA SER A 114 -18.96 -5.14 -3.71
C SER A 114 -17.81 -5.99 -3.17
N LYS A 115 -16.84 -6.29 -4.03
CA LYS A 115 -15.72 -7.14 -3.66
C LYS A 115 -14.96 -6.53 -2.47
N VAL A 116 -14.81 -5.20 -2.51
CA VAL A 116 -14.10 -4.49 -1.48
C VAL A 116 -14.96 -4.42 -0.25
N GLU A 117 -16.27 -4.28 -0.46
CA GLU A 117 -17.20 -4.29 0.67
C GLU A 117 -17.11 -5.60 1.42
N ALA A 118 -17.04 -6.71 0.70
CA ALA A 118 -16.94 -8.01 1.36
C ALA A 118 -15.66 -8.09 2.24
N GLU A 119 -14.57 -7.46 1.79
CA GLU A 119 -13.32 -7.45 2.57
C GLU A 119 -13.46 -6.59 3.82
N LEU A 120 -14.01 -5.39 3.65
CA LEU A 120 -14.37 -4.51 4.78
C LEU A 120 -15.23 -5.23 5.82
N THR A 121 -16.33 -5.84 5.40
CA THR A 121 -17.19 -6.55 6.31
C THR A 121 -16.36 -7.55 7.15
N ASP A 122 -15.56 -8.38 6.50
CA ASP A 122 -14.78 -9.38 7.22
C ASP A 122 -13.79 -8.80 8.23
N ILE A 123 -13.16 -7.69 7.87
CA ILE A 123 -12.15 -7.07 8.70
C ILE A 123 -12.76 -6.37 9.89
N CYS A 124 -13.83 -5.59 9.67
CA CYS A 124 -14.56 -4.95 10.77
C CYS A 124 -15.14 -5.99 11.72
N ASN A 125 -15.68 -7.08 11.18
CA ASN A 125 -16.34 -8.10 12.03
C ASN A 125 -15.33 -8.87 12.87
N ASP A 126 -14.17 -9.10 12.27
CA ASP A 126 -13.01 -9.66 12.95
C ASP A 126 -12.66 -8.88 14.21
N ILE A 127 -12.44 -7.57 14.08
CA ILE A 127 -12.05 -6.76 15.21
C ILE A 127 -13.21 -6.52 16.16
N LEU A 128 -14.44 -6.50 15.66
CA LEU A 128 -15.60 -6.28 16.55
C LEU A 128 -15.86 -7.49 17.43
N THR A 129 -15.58 -8.67 16.89
CA THR A 129 -15.76 -9.90 17.61
C THR A 129 -14.77 -9.89 18.78
N MET A 130 -13.51 -9.58 18.50
CA MET A 130 -12.51 -9.43 19.53
C MET A 130 -12.92 -8.38 20.57
N LEU A 131 -13.52 -7.30 20.13
CA LEU A 131 -13.91 -6.26 21.06
C LEU A 131 -15.00 -6.77 21.97
N ASP A 132 -16.03 -7.37 21.35
CA ASP A 132 -17.23 -7.79 22.05
C ASP A 132 -16.97 -8.92 23.04
N LYS A 133 -16.23 -9.94 22.58
CA LYS A 133 -16.01 -11.15 23.36
C LYS A 133 -14.76 -11.05 24.26
N HIS A 134 -13.74 -10.30 23.84
CA HIS A 134 -12.46 -10.27 24.57
C HIS A 134 -12.11 -8.95 25.26
N LEU A 135 -12.09 -7.84 24.52
CA LEU A 135 -11.46 -6.60 24.99
C LEU A 135 -12.29 -5.67 25.87
N ILE A 136 -13.55 -5.48 25.54
CA ILE A 136 -14.43 -4.67 26.35
C ILE A 136 -14.69 -5.31 27.73
N PRO A 137 -14.98 -6.62 27.76
CA PRO A 137 -15.24 -7.26 29.05
C PRO A 137 -14.09 -7.22 30.09
N THR A 138 -12.83 -7.22 29.65
CA THR A 138 -11.74 -7.29 30.64
C THR A 138 -11.12 -5.93 30.95
N ALA A 139 -11.64 -4.88 30.32
CA ALA A 139 -11.13 -3.53 30.54
C ALA A 139 -11.44 -2.98 31.94
N THR A 140 -10.40 -2.68 32.73
CA THR A 140 -10.57 -2.17 34.11
C THR A 140 -10.59 -0.65 34.13
N SER A 141 -9.45 -0.04 33.81
CA SER A 141 -9.30 1.42 33.78
C SER A 141 -10.41 2.13 32.96
N PRO A 142 -10.79 3.35 33.37
CA PRO A 142 -11.68 4.19 32.55
C PRO A 142 -11.02 4.52 31.23
N ASP A 143 -9.70 4.64 31.28
CA ASP A 143 -8.87 4.89 30.12
C ASP A 143 -9.12 3.83 29.04
N SER A 144 -9.00 2.56 29.40
CA SER A 144 -9.07 1.52 28.41
C SER A 144 -10.51 1.17 28.09
N LYS A 145 -11.42 1.47 29.02
CA LYS A 145 -12.82 1.25 28.72
C LYS A 145 -13.25 2.21 27.61
N VAL A 146 -12.85 3.47 27.70
CA VAL A 146 -13.17 4.46 26.65
C VAL A 146 -12.54 4.05 25.34
N PHE A 147 -11.27 3.69 25.41
CA PHE A 147 -10.53 3.33 24.23
C PHE A 147 -11.30 2.28 23.43
N TYR A 148 -11.69 1.21 24.11
CA TYR A 148 -12.31 0.06 23.43
C TYR A 148 -13.76 0.30 23.00
N PHE A 149 -14.56 1.03 23.78
CA PHE A 149 -15.89 1.43 23.31
C PHE A 149 -15.77 2.31 22.07
N LYS A 150 -14.83 3.26 22.10
CA LYS A 150 -14.64 4.12 20.95
C LYS A 150 -14.27 3.26 19.73
N MET A 151 -13.35 2.32 19.94
CA MET A 151 -12.86 1.51 18.83
C MET A 151 -14.05 0.75 18.24
N LYS A 152 -14.99 0.36 19.09
CA LYS A 152 -16.20 -0.34 18.64
C LYS A 152 -17.18 0.53 17.81
N GLY A 153 -17.46 1.75 18.24
CA GLY A 153 -18.27 2.65 17.41
C GLY A 153 -17.54 2.87 16.06
N ASP A 154 -16.21 3.04 16.08
CA ASP A 154 -15.47 3.24 14.83
C ASP A 154 -15.70 2.07 13.87
N TYR A 155 -15.62 0.84 14.36
CA TYR A 155 -15.72 -0.26 13.40
C TYR A 155 -17.15 -0.46 12.85
N HIS A 156 -18.18 -0.30 13.71
CA HIS A 156 -19.55 -0.18 13.23
C HIS A 156 -19.77 1.01 12.30
N ARG A 157 -19.16 2.15 12.60
CA ARG A 157 -19.17 3.29 11.68
C ARG A 157 -18.57 2.93 10.29
N TYR A 158 -17.41 2.27 10.27
CA TYR A 158 -16.85 1.86 8.98
C TYR A 158 -17.82 0.99 8.16
N ILE A 159 -18.49 0.03 8.80
CA ILE A 159 -19.57 -0.72 8.16
C ILE A 159 -20.73 0.17 7.66
N SER A 160 -21.17 1.09 8.51
CA SER A 160 -22.27 2.00 8.11
C SER A 160 -21.93 2.82 6.90
N GLU A 161 -20.62 3.04 6.71
CA GLU A 161 -20.17 3.88 5.61
C GLU A 161 -20.65 3.37 4.26
N PHE A 162 -20.70 2.03 4.07
CA PHE A 162 -21.09 1.42 2.78
C PHE A 162 -22.40 0.64 2.80
N SER A 163 -22.94 0.40 3.99
CA SER A 163 -24.25 -0.25 4.12
C SER A 163 -25.36 0.69 3.70
N THR A 164 -26.52 0.13 3.34
CA THR A 164 -27.66 0.97 3.03
C THR A 164 -28.91 0.44 3.74
N GLY A 165 -30.00 1.20 3.65
CA GLY A 165 -31.28 0.82 4.26
C GLY A 165 -31.17 0.28 5.67
N ASP A 166 -31.71 -0.91 5.84
CA ASP A 166 -31.82 -1.56 7.16
C ASP A 166 -30.49 -1.91 7.77
N SER A 167 -29.55 -2.43 6.97
CA SER A 167 -28.21 -2.75 7.46
C SER A 167 -27.51 -1.51 8.01
N LYS A 168 -27.58 -0.39 7.30
CA LYS A 168 -26.97 0.84 7.76
C LYS A 168 -27.57 1.24 9.12
N GLN A 169 -28.91 1.21 9.22
CA GLN A 169 -29.59 1.56 10.46
C GLN A 169 -29.09 0.70 11.60
N SER A 170 -29.09 -0.61 11.42
CA SER A 170 -28.65 -1.50 12.48
C SER A 170 -27.18 -1.31 12.91
N SER A 171 -26.28 -1.08 11.97
CA SER A 171 -24.90 -0.85 12.37
C SER A 171 -24.70 0.60 12.91
N ALA A 172 -25.51 1.54 12.42
CA ALA A 172 -25.48 2.90 12.95
C ALA A 172 -25.94 2.89 14.39
N GLU A 173 -26.86 1.98 14.74
CA GLU A 173 -27.39 1.89 16.12
C GLU A 173 -26.35 1.25 17.04
N ASP A 174 -25.64 0.23 16.54
CA ASP A 174 -24.59 -0.37 17.32
C ASP A 174 -23.45 0.65 17.56
N ALA A 175 -23.19 1.50 16.58
CA ALA A 175 -22.13 2.52 16.73
C ALA A 175 -22.57 3.59 17.72
N LEU A 176 -23.81 4.07 17.55
CA LEU A 176 -24.35 5.07 18.46
C LEU A 176 -24.25 4.60 19.89
N LYS A 177 -24.61 3.34 20.14
CA LYS A 177 -24.61 2.85 21.50
C LYS A 177 -23.19 2.77 22.06
N ALA A 178 -22.24 2.34 21.23
CA ALA A 178 -20.85 2.23 21.66
C ALA A 178 -20.26 3.60 21.98
N TYR A 179 -20.51 4.59 21.13
CA TYR A 179 -19.99 5.92 21.42
C TYR A 179 -20.61 6.54 22.71
N LYS A 180 -21.91 6.31 22.94
CA LYS A 180 -22.58 6.76 24.16
C LYS A 180 -21.95 6.09 25.38
N ASP A 181 -21.74 4.77 25.27
CA ASP A 181 -21.15 4.04 26.35
C ASP A 181 -19.80 4.61 26.65
N ALA A 182 -19.04 4.93 25.60
CA ALA A 182 -17.72 5.54 25.78
C ALA A 182 -17.85 6.92 26.38
N THR A 183 -18.86 7.67 25.99
CA THR A 183 -19.08 9.00 26.52
C THR A 183 -19.34 8.98 28.03
N VAL A 184 -20.18 8.03 28.47
CA VAL A 184 -20.51 7.90 29.89
C VAL A 184 -19.25 7.74 30.72
N VAL A 185 -18.40 6.77 30.33
CA VAL A 185 -17.14 6.56 31.01
C VAL A 185 -16.14 7.74 30.87
N ALA A 186 -16.07 8.33 29.68
CA ALA A 186 -15.21 9.49 29.45
C ALA A 186 -15.45 10.66 30.42
N LYS A 187 -16.63 10.72 31.06
CA LYS A 187 -16.96 11.80 31.98
C LYS A 187 -16.00 11.79 33.17
N ASP A 188 -15.21 10.71 33.29
CA ASP A 188 -14.25 10.55 34.39
C ASP A 188 -12.82 10.94 33.97
N LEU A 189 -12.65 11.34 32.71
CA LEU A 189 -11.37 11.85 32.23
C LEU A 189 -11.41 13.37 32.14
N GLU A 190 -10.27 14.04 32.29
CA GLU A 190 -10.25 15.50 32.11
C GLU A 190 -10.67 15.85 30.68
N PRO A 191 -11.34 17.00 30.51
CA PRO A 191 -11.82 17.44 29.20
C PRO A 191 -10.68 17.52 28.20
N THR A 192 -9.46 17.74 28.71
CA THR A 192 -8.22 17.72 27.91
C THR A 192 -7.63 16.33 27.65
N HIS A 193 -8.18 15.27 28.21
CA HIS A 193 -7.59 13.95 27.99
C HIS A 193 -7.67 13.62 26.48
N PRO A 194 -6.54 13.20 25.87
CA PRO A 194 -6.52 12.83 24.46
C PRO A 194 -7.52 11.73 24.10
N ILE A 195 -7.74 10.78 25.01
CA ILE A 195 -8.72 9.75 24.65
C ILE A 195 -10.14 10.32 24.62
N ARG A 196 -10.46 11.21 25.57
CA ARG A 196 -11.77 11.85 25.58
C ARG A 196 -11.95 12.76 24.37
N LEU A 197 -10.90 13.48 23.99
CA LEU A 197 -10.98 14.43 22.86
C LEU A 197 -11.17 13.69 21.54
N GLY A 198 -10.42 12.61 21.35
CA GLY A 198 -10.52 11.73 20.19
C GLY A 198 -11.86 11.06 20.13
N LEU A 199 -12.44 10.75 21.29
CA LEU A 199 -13.81 10.24 21.29
C LEU A 199 -14.78 11.24 20.70
N ALA A 200 -14.68 12.50 21.12
CA ALA A 200 -15.60 13.55 20.64
C ALA A 200 -15.45 13.84 19.11
N LEU A 201 -14.20 13.83 18.64
CA LEU A 201 -13.89 14.01 17.23
C LEU A 201 -14.58 12.95 16.37
N ASN A 202 -14.38 11.67 16.69
CA ASN A 202 -14.98 10.58 15.92
C ASN A 202 -16.50 10.52 16.12
N PHE A 203 -16.96 10.72 17.36
CA PHE A 203 -18.39 10.65 17.66
C PHE A 203 -19.06 11.77 16.84
N SER A 204 -18.47 12.96 16.76
CA SER A 204 -19.14 14.02 15.97
C SER A 204 -19.08 13.73 14.48
N VAL A 205 -17.94 13.22 14.00
CA VAL A 205 -17.81 12.78 12.62
C VAL A 205 -18.92 11.77 12.31
N PHE A 206 -19.13 10.83 13.22
CA PHE A 206 -20.21 9.87 13.07
C PHE A 206 -21.58 10.54 12.93
N HIS A 207 -21.89 11.53 13.77
CA HIS A 207 -23.18 12.19 13.60
C HIS A 207 -23.27 12.85 12.26
N TYR A 208 -22.19 13.52 11.83
CA TYR A 208 -22.24 14.25 10.59
C TYR A 208 -22.37 13.36 9.37
N GLU A 209 -21.54 12.31 9.31
CA GLU A 209 -21.36 11.53 8.07
C GLU A 209 -22.35 10.38 7.97
N ILE A 210 -22.63 9.74 9.09
CA ILE A 210 -23.41 8.51 9.06
C ILE A 210 -24.87 8.80 9.24
N LEU A 211 -25.21 9.56 10.28
CA LEU A 211 -26.60 9.89 10.66
C LEU A 211 -27.09 11.13 9.91
N ASN A 212 -26.18 11.92 9.35
CA ASN A 212 -26.54 13.12 8.61
C ASN A 212 -27.26 14.07 9.60
N GLU A 213 -26.59 14.31 10.72
CA GLU A 213 -27.13 15.21 11.74
C GLU A 213 -26.13 16.32 11.97
N PRO A 214 -26.06 17.26 11.01
CA PRO A 214 -25.01 18.30 11.12
C PRO A 214 -25.08 19.14 12.41
N ARG A 215 -26.28 19.43 12.93
CA ARG A 215 -26.39 20.20 14.17
C ARG A 215 -25.85 19.48 15.42
N ALA A 216 -26.21 18.19 15.59
CA ALA A 216 -25.64 17.40 16.72
C ALA A 216 -24.12 17.26 16.64
N ALA A 217 -23.61 17.05 15.43
CA ALA A 217 -22.14 16.99 15.17
C ALA A 217 -21.46 18.31 15.58
N ILE A 218 -21.92 19.43 15.02
CA ILE A 218 -21.34 20.77 15.29
C ILE A 218 -21.46 21.06 16.78
N ASP A 219 -22.63 20.77 17.38
CA ASP A 219 -22.81 20.94 18.83
C ASP A 219 -21.81 20.09 19.63
N MET A 220 -21.61 18.85 19.25
CA MET A 220 -20.69 17.97 19.98
C MET A 220 -19.19 18.34 19.86
N ALA A 221 -18.75 18.68 18.66
CA ALA A 221 -17.37 19.13 18.45
C ALA A 221 -17.10 20.48 19.13
N LYS A 222 -18.04 21.43 19.00
CA LYS A 222 -17.97 22.74 19.63
C LYS A 222 -17.87 22.57 21.14
N GLU A 223 -18.76 21.74 21.69
CA GLU A 223 -18.81 21.53 23.14
C GLU A 223 -17.48 20.91 23.63
N ALA A 224 -16.92 19.96 22.89
CA ALA A 224 -15.65 19.34 23.30
C ALA A 224 -14.43 20.28 23.17
N PHE A 225 -14.43 21.12 22.13
CA PHE A 225 -13.40 22.12 21.93
C PHE A 225 -13.46 23.20 23.05
N GLU A 226 -14.65 23.82 23.23
CA GLU A 226 -14.88 24.83 24.28
C GLU A 226 -14.53 24.26 25.66
N MET A 227 -15.01 23.06 25.97
CA MET A 227 -14.67 22.42 27.25
C MET A 227 -13.17 22.24 27.47
N ALA A 228 -12.44 21.89 26.42
CA ALA A 228 -10.98 21.74 26.53
C ALA A 228 -10.31 23.10 26.72
N ILE A 229 -10.84 24.10 26.02
CA ILE A 229 -10.30 25.46 26.02
C ILE A 229 -10.58 26.24 27.29
N GLU A 230 -11.67 25.87 27.98
CA GLU A 230 -12.01 26.39 29.32
C GLU A 230 -10.91 26.07 30.36
N GLN A 231 -10.08 25.07 30.02
CA GLN A 231 -9.08 24.49 30.90
C GLN A 231 -7.75 24.23 30.17
N LEU A 232 -7.31 25.16 29.32
CA LEU A 232 -6.00 25.01 28.62
C LEU A 232 -4.85 25.07 29.62
N ASP A 233 -5.11 25.75 30.75
CA ASP A 233 -4.20 25.90 31.89
C ASP A 233 -3.92 24.60 32.62
N LYS A 234 -4.75 23.59 32.33
CA LYS A 234 -4.68 22.30 33.02
C LYS A 234 -4.09 21.22 32.11
N LEU A 235 -3.78 21.60 30.86
CA LEU A 235 -3.02 20.76 29.96
C LEU A 235 -1.72 20.39 30.61
N SER A 236 -1.51 19.10 30.82
CA SER A 236 -0.26 18.56 31.36
C SER A 236 0.84 18.50 30.28
N GLU A 237 2.10 18.55 30.71
CA GLU A 237 3.26 18.51 29.81
C GLU A 237 3.37 17.19 29.05
N ASP A 238 2.86 16.10 29.64
CA ASP A 238 2.92 14.77 29.01
C ASP A 238 1.95 14.64 27.83
N CYS A 239 0.99 15.56 27.74
CA CYS A 239 -0.16 15.45 26.81
C CYS A 239 -0.38 16.58 25.82
N TYR A 240 0.07 17.78 26.16
CA TYR A 240 -0.36 18.96 25.42
C TYR A 240 -0.12 18.85 23.90
N LYS A 241 0.84 18.02 23.49
CA LYS A 241 1.04 17.78 22.08
C LYS A 241 -0.22 17.12 21.47
N ASP A 242 -0.51 15.87 21.84
CA ASP A 242 -1.60 15.11 21.21
C ASP A 242 -2.93 15.82 21.41
N SER A 243 -3.13 16.37 22.60
CA SER A 243 -4.34 17.09 22.90
C SER A 243 -4.59 18.30 22.01
N THR A 244 -3.54 19.12 21.80
CA THR A 244 -3.66 20.24 20.87
C THR A 244 -3.92 19.81 19.42
N LEU A 245 -3.16 18.81 18.94
CA LEU A 245 -3.43 18.16 17.66
C LEU A 245 -4.92 17.94 17.51
N ILE A 246 -5.51 17.25 18.48
CA ILE A 246 -6.94 16.86 18.41
C ILE A 246 -7.84 18.06 18.50
N MET A 247 -7.48 19.01 19.36
CA MET A 247 -8.22 20.25 19.45
C MET A 247 -8.21 20.95 18.10
N GLN A 248 -7.08 20.86 17.40
CA GLN A 248 -6.94 21.44 16.05
C GLN A 248 -7.80 20.71 14.99
N LEU A 249 -7.92 19.39 15.07
CA LEU A 249 -8.80 18.67 14.11
C LEU A 249 -10.26 19.01 14.38
N LEU A 250 -10.60 19.10 15.66
CA LEU A 250 -11.94 19.54 16.01
C LEU A 250 -12.29 20.90 15.37
N ARG A 251 -11.42 21.92 15.52
CA ARG A 251 -11.60 23.22 14.85
C ARG A 251 -11.70 23.12 13.31
N ASP A 252 -10.78 22.37 12.71
CA ASP A 252 -10.83 22.15 11.27
C ASP A 252 -12.16 21.60 10.81
N ASN A 253 -12.71 20.61 11.53
CA ASN A 253 -14.01 20.07 11.20
C ASN A 253 -15.11 21.11 11.40
N LEU A 254 -15.08 21.79 12.54
CA LEU A 254 -16.02 22.87 12.76
C LEU A 254 -15.96 23.85 11.61
N THR A 255 -14.76 24.27 11.22
CA THR A 255 -14.59 25.25 10.15
C THR A 255 -15.25 24.77 8.85
N LEU A 256 -15.11 23.49 8.58
CA LEU A 256 -15.66 22.90 7.36
C LEU A 256 -17.17 22.81 7.47
N TRP A 257 -17.65 22.34 8.62
CA TRP A 257 -19.07 22.06 8.77
C TRP A 257 -19.83 23.35 8.85
N THR A 258 -19.11 24.38 9.25
CA THR A 258 -19.67 25.70 9.51
C THR A 258 -19.85 26.56 8.27
N ALA A 259 -19.26 26.15 7.14
CA ALA A 259 -19.46 26.84 5.86
C ALA A 259 -20.65 26.27 5.06
N ARG B 1 -15.32 14.58 3.88
CA ARG B 1 -13.98 15.19 3.90
C ARG B 1 -13.53 15.60 5.31
N ALA B 2 -14.40 15.39 6.32
CA ALA B 2 -14.03 15.62 7.73
C ALA B 2 -13.03 14.56 8.22
N ILE B 3 -12.09 14.99 9.07
CA ILE B 3 -11.00 14.14 9.54
C ILE B 3 -11.38 13.43 10.85
N LEU B 5 -9.94 10.67 13.98
CA LEU B 5 -8.67 10.55 14.69
C LEU B 5 -7.66 9.78 13.88
N PRO B 6 -6.49 10.36 13.65
CA PRO B 6 -5.45 9.53 13.02
C PRO B 6 -5.22 8.24 13.80
N SER C 24 -16.47 -11.15 -29.13
CA SER C 24 -15.12 -11.67 -29.50
C SER C 24 -14.00 -10.90 -28.74
N VAL C 25 -13.72 -9.65 -29.13
CA VAL C 25 -12.75 -8.79 -28.40
C VAL C 25 -13.38 -7.95 -27.29
N ASN C 26 -14.62 -8.31 -26.92
CA ASN C 26 -15.36 -7.68 -25.82
C ASN C 26 -14.71 -7.84 -24.45
N ALA C 27 -14.19 -9.04 -24.20
CA ALA C 27 -13.50 -9.37 -22.96
C ALA C 27 -12.22 -8.55 -22.77
N ARG C 28 -11.54 -8.25 -23.87
CA ARG C 28 -10.31 -7.45 -23.85
C ARG C 28 -10.57 -6.02 -23.39
N GLU C 29 -11.51 -5.33 -24.02
CA GLU C 29 -11.94 -3.96 -23.64
C GLU C 29 -12.28 -3.88 -22.16
N SER C 30 -12.87 -4.97 -21.68
CA SER C 30 -13.39 -5.10 -20.32
C SER C 30 -12.33 -5.40 -19.29
N ASN C 31 -11.38 -6.28 -19.60
CA ASN C 31 -10.24 -6.53 -18.70
C ASN C 31 -9.41 -5.26 -18.59
N VAL C 32 -9.29 -4.54 -19.70
CA VAL C 32 -8.51 -3.31 -19.74
C VAL C 32 -9.20 -2.25 -18.89
N TYR C 33 -10.52 -2.14 -19.01
CA TYR C 33 -11.28 -1.24 -18.14
C TYR C 33 -11.03 -1.61 -16.68
N MET C 34 -11.12 -2.89 -16.34
CA MET C 34 -10.91 -3.30 -14.95
C MET C 34 -9.48 -3.04 -14.45
N ALA C 35 -8.49 -3.27 -15.31
CA ALA C 35 -7.10 -3.00 -14.96
C ALA C 35 -6.97 -1.53 -14.59
N LYS C 36 -7.41 -0.63 -15.46
CA LYS C 36 -7.44 0.81 -15.14
C LYS C 36 -8.14 1.11 -13.82
N LEU C 37 -9.26 0.42 -13.58
CA LEU C 37 -10.06 0.63 -12.38
C LEU C 37 -9.26 0.21 -11.12
N ALA C 38 -8.57 -0.92 -11.20
CA ALA C 38 -7.79 -1.43 -10.10
C ALA C 38 -6.55 -0.56 -9.81
N GLU C 39 -6.03 0.08 -10.85
CA GLU C 39 -4.90 0.98 -10.68
C GLU C 39 -5.36 2.19 -9.88
N GLN C 40 -6.51 2.75 -10.25
CA GLN C 40 -7.06 3.86 -9.51
C GLN C 40 -7.34 3.53 -8.05
N ALA C 41 -7.81 2.31 -7.81
CA ALA C 41 -8.07 1.80 -6.47
C ALA C 41 -6.80 1.37 -5.76
N GLU C 42 -5.70 1.25 -6.51
CA GLU C 42 -4.43 0.90 -5.92
C GLU C 42 -4.44 -0.53 -5.39
N ARG C 43 -5.04 -1.41 -6.17
CA ARG C 43 -5.14 -2.85 -5.92
C ARG C 43 -4.41 -3.57 -7.08
N TYR C 44 -3.09 -3.61 -6.97
CA TYR C 44 -2.25 -3.99 -8.10
C TYR C 44 -2.12 -5.45 -8.38
N ASP C 45 -2.20 -6.28 -7.36
CA ASP C 45 -2.23 -7.72 -7.64
C ASP C 45 -3.43 -7.97 -8.56
N GLU C 46 -4.53 -7.24 -8.35
CA GLU C 46 -5.71 -7.39 -9.19
C GLU C 46 -5.53 -6.76 -10.58
N MET C 47 -4.88 -5.61 -10.61
CA MET C 47 -4.52 -4.98 -11.86
C MET C 47 -3.71 -5.94 -12.68
N ALA C 48 -2.78 -6.65 -12.02
CA ALA C 48 -1.90 -7.56 -12.75
C ALA C 48 -2.70 -8.74 -13.32
N LYS C 49 -3.64 -9.29 -12.53
CA LYS C 49 -4.45 -10.42 -12.99
C LYS C 49 -5.34 -10.04 -14.16
N TYR C 50 -5.81 -8.79 -14.18
CA TYR C 50 -6.63 -8.35 -15.33
C TYR C 50 -5.79 -8.33 -16.61
N MET C 51 -4.61 -7.71 -16.51
CA MET C 51 -3.70 -7.60 -17.63
C MET C 51 -3.13 -8.96 -18.05
N LYS C 52 -2.90 -9.84 -17.07
CA LYS C 52 -2.51 -11.21 -17.36
C LYS C 52 -3.56 -11.86 -18.28
N ASP C 53 -4.85 -11.69 -17.97
CA ASP C 53 -5.95 -12.26 -18.78
C ASP C 53 -6.08 -11.70 -20.20
N VAL C 54 -5.65 -10.45 -20.38
CA VAL C 54 -5.54 -9.85 -21.71
C VAL C 54 -4.48 -10.61 -22.51
N VAL C 55 -3.28 -10.75 -21.93
CA VAL C 55 -2.14 -11.37 -22.59
C VAL C 55 -2.41 -12.80 -23.08
N GLU C 56 -2.96 -13.64 -22.19
CA GLU C 56 -3.20 -15.06 -22.47
C GLU C 56 -4.32 -15.33 -23.46
N ALA C 57 -5.23 -14.37 -23.61
CA ALA C 57 -6.37 -14.53 -24.50
C ALA C 57 -6.03 -14.30 -25.98
N ARG C 58 -5.02 -13.45 -26.24
CA ARG C 58 -4.81 -12.83 -27.56
C ARG C 58 -4.57 -13.80 -28.74
N GLN C 59 -5.30 -13.63 -29.85
CA GLN C 59 -5.29 -14.62 -30.95
C GLN C 59 -4.06 -14.44 -31.91
N SER C 61 -1.73 -14.01 -34.40
CA SER C 61 -0.86 -13.53 -33.06
C SER C 61 -0.88 -11.98 -33.01
N GLU C 62 -1.91 -11.48 -32.27
CA GLU C 62 -2.14 -10.05 -32.13
C GLU C 62 -1.21 -9.49 -31.04
N GLU C 63 -0.71 -8.28 -31.27
CA GLU C 63 0.20 -7.63 -30.33
C GLU C 63 -0.59 -6.72 -29.40
N LEU C 64 -0.16 -6.63 -28.13
CA LEU C 64 -0.68 -5.63 -27.21
C LEU C 64 -0.40 -4.24 -27.74
N THR C 65 -1.39 -3.38 -27.55
CA THR C 65 -1.30 -1.94 -27.73
C THR C 65 -0.21 -1.38 -26.82
N VAL C 66 0.24 -0.17 -27.15
CA VAL C 66 1.12 0.59 -26.26
C VAL C 66 0.44 0.79 -24.90
N GLU C 67 -0.86 1.09 -24.91
CA GLU C 67 -1.60 1.38 -23.69
C GLU C 67 -1.72 0.15 -22.79
N GLU C 68 -1.96 -1.00 -23.40
CA GLU C 68 -2.06 -2.25 -22.68
C GLU C 68 -0.73 -2.65 -22.09
N ARG C 69 0.30 -2.56 -22.91
CA ARG C 69 1.66 -2.96 -22.64
C ARG C 69 2.15 -2.19 -21.39
N ASN C 70 1.96 -0.88 -21.41
CA ASN C 70 2.26 -0.07 -20.27
C ASN C 70 1.49 -0.47 -19.02
N LEU C 71 0.20 -0.81 -19.16
CA LEU C 71 -0.61 -1.21 -18.00
C LEU C 71 -0.11 -2.53 -17.42
N LEU C 72 0.30 -3.45 -18.28
CA LEU C 72 0.86 -4.70 -17.79
C LEU C 72 2.12 -4.42 -16.97
N SER C 73 2.92 -3.51 -17.47
CA SER C 73 4.19 -3.21 -16.84
C SER C 73 3.94 -2.49 -15.52
N VAL C 74 3.07 -1.47 -15.52
CA VAL C 74 2.79 -0.73 -14.31
C VAL C 74 2.31 -1.68 -13.21
N ALA C 75 1.43 -2.59 -13.59
CA ALA C 75 0.79 -3.53 -12.67
C ALA C 75 1.80 -4.46 -12.04
N TYR C 76 2.70 -5.02 -12.85
CA TYR C 76 3.72 -5.93 -12.35
C TYR C 76 4.79 -5.20 -11.57
N LYS C 77 5.19 -4.07 -12.10
CA LYS C 77 6.13 -3.25 -11.42
C LYS C 77 5.62 -2.99 -9.97
N ASN C 78 4.36 -2.51 -9.80
CA ASN C 78 3.85 -2.22 -8.45
C ASN C 78 3.64 -3.47 -7.60
N ALA C 79 3.09 -4.51 -8.20
CA ALA C 79 2.91 -5.75 -7.46
C ALA C 79 4.26 -6.26 -6.90
N VAL C 80 5.31 -6.19 -7.71
CA VAL C 80 6.62 -6.62 -7.27
C VAL C 80 7.28 -5.53 -6.39
N GLY C 81 7.04 -4.27 -6.73
CA GLY C 81 7.67 -3.18 -6.05
C GLY C 81 7.41 -3.25 -4.58
N SER C 82 6.19 -3.54 -4.17
CA SER C 82 5.86 -3.45 -2.75
C SER C 82 6.53 -4.57 -2.00
N ARG C 83 6.54 -5.77 -2.56
CA ARG C 83 7.31 -6.85 -1.93
C ARG C 83 8.82 -6.55 -1.85
N ARG C 84 9.36 -5.82 -2.83
CA ARG C 84 10.84 -5.58 -2.85
C ARG C 84 11.18 -4.63 -1.73
N SER C 85 10.28 -3.67 -1.53
CA SER C 85 10.48 -2.62 -0.56
C SER C 85 10.41 -3.26 0.85
N SER C 86 9.39 -4.09 1.10
CA SER C 86 9.33 -4.85 2.37
C SER C 86 10.55 -5.72 2.56
N TRP C 87 10.94 -6.46 1.49
CA TRP C 87 12.14 -7.32 1.52
C TRP C 87 13.34 -6.56 2.08
N ARG C 88 13.57 -5.35 1.58
CA ARG C 88 14.73 -4.58 2.00
C ARG C 88 14.67 -4.14 3.47
N ILE C 89 13.49 -3.69 3.88
CA ILE C 89 13.23 -3.29 5.25
C ILE C 89 13.44 -4.48 6.19
N ILE C 90 12.90 -5.64 5.84
CA ILE C 90 13.04 -6.85 6.66
C ILE C 90 14.49 -7.32 6.75
N SER C 91 15.22 -7.25 5.64
CA SER C 91 16.64 -7.64 5.65
C SER C 91 17.45 -6.76 6.58
N SER C 92 17.22 -5.45 6.51
CA SER C 92 18.03 -4.52 7.25
C SER C 92 17.93 -4.82 8.77
N VAL C 93 16.71 -5.09 9.23
CA VAL C 93 16.45 -5.44 10.62
C VAL C 93 17.11 -6.77 10.96
N GLU C 94 17.06 -7.73 10.03
CA GLU C 94 17.70 -9.01 10.21
C GLU C 94 19.20 -8.81 10.52
N GLN C 95 19.87 -7.99 9.72
CA GLN C 95 21.33 -7.75 9.89
C GLN C 95 21.64 -6.84 11.11
N LYS C 96 20.70 -5.97 11.44
CA LYS C 96 20.75 -5.19 12.69
C LYS C 96 20.75 -6.13 13.91
N GLU C 97 19.84 -7.09 13.93
CA GLU C 97 19.79 -8.09 15.00
C GLU C 97 21.03 -8.95 14.98
N HIS C 98 21.32 -9.58 13.85
CA HIS C 98 22.52 -10.43 13.74
C HIS C 98 23.74 -9.74 14.34
N SER C 99 23.84 -8.42 14.16
CA SER C 99 25.00 -7.67 14.67
C SER C 99 24.90 -7.23 16.14
N ARG C 100 23.71 -7.41 16.72
CA ARG C 100 23.49 -7.09 18.12
C ARG C 100 23.39 -8.39 18.88
N ASN C 101 23.83 -9.47 18.25
CA ASN C 101 23.88 -10.83 18.84
C ASN C 101 22.54 -11.30 19.44
N ALA C 102 21.44 -10.77 18.89
CA ALA C 102 20.09 -11.24 19.19
C ALA C 102 19.70 -12.29 18.15
N GLU C 103 20.04 -13.54 18.42
CA GLU C 103 19.89 -14.63 17.45
C GLU C 103 18.44 -15.07 17.31
N ASP C 104 17.71 -15.17 18.43
CA ASP C 104 16.31 -15.58 18.40
C ASP C 104 15.49 -14.69 17.47
N ALA C 105 15.78 -13.38 17.50
CA ALA C 105 15.02 -12.39 16.72
C ALA C 105 15.46 -12.35 15.24
N SER C 106 16.75 -12.56 15.02
CA SER C 106 17.33 -12.72 13.67
C SER C 106 16.62 -13.81 12.86
N LYS C 107 16.42 -14.99 13.46
CA LYS C 107 15.72 -16.09 12.78
C LYS C 107 14.28 -15.73 12.41
N MET C 108 13.61 -14.97 13.27
CA MET C 108 12.23 -14.52 13.01
C MET C 108 12.17 -13.62 11.77
N CYS C 109 13.10 -12.67 11.70
CA CYS C 109 13.22 -11.81 10.53
C CYS C 109 13.44 -12.68 9.28
N GLY C 110 14.36 -13.65 9.37
CA GLY C 110 14.62 -14.59 8.28
C GLY C 110 13.44 -15.40 7.80
N LYS C 111 12.67 -15.95 8.72
CA LYS C 111 11.48 -16.70 8.31
C LYS C 111 10.51 -15.79 7.52
N TYR C 112 10.44 -14.51 7.93
CA TYR C 112 9.54 -13.55 7.33
C TYR C 112 10.01 -13.06 5.96
N ARG C 113 11.32 -12.92 5.83
CA ARG C 113 11.93 -12.57 4.58
C ARG C 113 11.66 -13.70 3.58
N SER C 114 11.90 -14.95 3.97
CA SER C 114 11.61 -16.06 3.09
C SER C 114 10.17 -16.02 2.57
N LYS C 115 9.24 -15.68 3.44
CA LYS C 115 7.86 -15.65 3.02
C LYS C 115 7.65 -14.57 1.92
N VAL C 116 8.34 -13.45 2.04
CA VAL C 116 8.21 -12.40 1.05
C VAL C 116 8.88 -12.83 -0.24
N GLU C 117 9.99 -13.57 -0.11
CA GLU C 117 10.67 -14.18 -1.25
C GLU C 117 9.79 -15.15 -2.02
N ALA C 118 9.02 -15.97 -1.31
CA ALA C 118 8.09 -16.86 -1.99
C ALA C 118 7.13 -16.08 -2.90
N GLU C 119 6.58 -14.95 -2.40
CA GLU C 119 5.71 -14.03 -3.17
C GLU C 119 6.44 -13.43 -4.38
N LEU C 120 7.65 -12.93 -4.14
CA LEU C 120 8.50 -12.41 -5.22
C LEU C 120 8.76 -13.45 -6.29
N THR C 121 9.11 -14.67 -5.90
CA THR C 121 9.31 -15.73 -6.85
C THR C 121 8.06 -16.00 -7.74
N ASP C 122 6.90 -16.14 -7.11
CA ASP C 122 5.64 -16.30 -7.81
C ASP C 122 5.36 -15.19 -8.82
N ILE C 123 5.41 -13.93 -8.37
CA ILE C 123 5.06 -12.83 -9.25
C ILE C 123 6.05 -12.70 -10.42
N CYS C 124 7.35 -12.83 -10.13
CA CYS C 124 8.34 -12.78 -11.20
C CYS C 124 8.21 -13.92 -12.19
N ASN C 125 7.91 -15.13 -11.70
CA ASN C 125 7.82 -16.27 -12.61
C ASN C 125 6.61 -16.12 -13.53
N ASP C 126 5.55 -15.55 -12.99
CA ASP C 126 4.31 -15.31 -13.70
C ASP C 126 4.52 -14.41 -14.93
N ILE C 127 5.11 -13.24 -14.70
CA ILE C 127 5.35 -12.31 -15.81
C ILE C 127 6.40 -12.86 -16.77
N LEU C 128 7.45 -13.52 -16.27
CA LEU C 128 8.47 -14.06 -17.16
C LEU C 128 7.96 -15.17 -18.09
N THR C 129 7.09 -16.04 -17.57
CA THR C 129 6.37 -17.02 -18.38
C THR C 129 5.60 -16.32 -19.51
N MET C 130 4.89 -15.24 -19.18
CA MET C 130 4.12 -14.52 -20.18
C MET C 130 5.00 -13.91 -21.28
N LEU C 131 6.16 -13.41 -20.87
CA LEU C 131 7.18 -12.91 -21.79
C LEU C 131 7.80 -14.00 -22.66
N ASP C 132 8.19 -15.13 -22.05
CA ASP C 132 8.78 -16.25 -22.82
C ASP C 132 7.77 -16.87 -23.82
N LYS C 133 6.54 -17.16 -23.35
CA LYS C 133 5.52 -17.88 -24.12
C LYS C 133 4.69 -16.99 -25.04
N HIS C 134 4.39 -15.77 -24.59
CA HIS C 134 3.44 -14.92 -25.32
C HIS C 134 4.03 -13.61 -25.87
N LEU C 135 4.79 -12.85 -25.07
CA LEU C 135 5.11 -11.48 -25.44
C LEU C 135 6.28 -11.31 -26.41
N ILE C 136 7.44 -11.85 -26.04
CA ILE C 136 8.65 -11.82 -26.86
C ILE C 136 8.48 -12.53 -28.26
N PRO C 137 7.85 -13.74 -28.30
CA PRO C 137 7.71 -14.35 -29.61
C PRO C 137 6.83 -13.57 -30.61
N THR C 138 5.81 -12.85 -30.13
CA THR C 138 4.86 -12.20 -31.04
C THR C 138 5.20 -10.75 -31.44
N ALA C 139 6.30 -10.20 -30.93
CA ALA C 139 6.56 -8.76 -31.11
C ALA C 139 7.30 -8.40 -32.42
N THR C 140 6.76 -7.41 -33.15
CA THR C 140 7.28 -7.02 -34.47
C THR C 140 8.28 -5.87 -34.46
N SER C 141 7.81 -4.68 -34.07
CA SER C 141 8.60 -3.47 -34.19
C SER C 141 9.81 -3.43 -33.25
N PRO C 142 10.85 -2.66 -33.63
CA PRO C 142 11.98 -2.43 -32.75
C PRO C 142 11.57 -2.00 -31.33
N ASP C 143 10.62 -1.05 -31.24
CA ASP C 143 9.98 -0.66 -29.98
C ASP C 143 9.62 -1.83 -29.09
N SER C 144 8.75 -2.72 -29.58
CA SER C 144 8.18 -3.80 -28.77
C SER C 144 9.23 -4.78 -28.30
N LYS C 145 10.08 -5.18 -29.24
CA LYS C 145 11.13 -6.13 -28.95
C LYS C 145 12.06 -5.61 -27.87
N VAL C 146 12.53 -4.37 -27.99
CA VAL C 146 13.32 -3.79 -26.91
C VAL C 146 12.50 -3.75 -25.63
N PHE C 147 11.23 -3.35 -25.74
CA PHE C 147 10.41 -3.21 -24.54
C PHE C 147 10.33 -4.52 -23.79
N TYR C 148 10.00 -5.60 -24.50
CA TYR C 148 9.79 -6.88 -23.82
C TYR C 148 11.09 -7.58 -23.41
N PHE C 149 12.14 -7.41 -24.21
CA PHE C 149 13.44 -7.95 -23.83
C PHE C 149 13.96 -7.31 -22.54
N LYS C 150 13.70 -6.01 -22.39
CA LYS C 150 14.04 -5.28 -21.18
C LYS C 150 13.24 -5.78 -19.96
N MET C 151 11.93 -6.00 -20.14
CA MET C 151 11.10 -6.51 -19.03
C MET C 151 11.65 -7.84 -18.47
N LYS C 152 11.91 -8.80 -19.35
CA LYS C 152 12.51 -10.06 -18.97
C LYS C 152 13.81 -9.83 -18.16
N GLY C 153 14.72 -8.98 -18.66
CA GLY C 153 15.94 -8.71 -17.91
C GLY C 153 15.61 -8.16 -16.53
N ASP C 154 14.65 -7.25 -16.48
CA ASP C 154 14.22 -6.67 -15.20
C ASP C 154 13.74 -7.74 -14.22
N TYR C 155 12.89 -8.66 -14.68
CA TYR C 155 12.28 -9.59 -13.72
C TYR C 155 13.28 -10.66 -13.25
N HIS C 156 14.14 -11.15 -14.14
CA HIS C 156 15.30 -11.94 -13.75
C HIS C 156 16.19 -11.19 -12.76
N ARG C 157 16.38 -9.89 -13.00
CA ARG C 157 17.12 -9.04 -12.03
C ARG C 157 16.42 -9.01 -10.66
N TYR C 158 15.11 -8.83 -10.63
CA TYR C 158 14.41 -8.84 -9.34
C TYR C 158 14.63 -10.19 -8.62
N ILE C 159 14.57 -11.29 -9.34
CA ILE C 159 14.83 -12.56 -8.71
C ILE C 159 16.26 -12.62 -8.18
N SER C 160 17.20 -12.10 -9.00
CA SER C 160 18.61 -12.01 -8.62
C SER C 160 18.87 -11.20 -7.38
N GLU C 161 17.98 -10.26 -7.07
CA GLU C 161 18.24 -9.39 -5.92
C GLU C 161 18.26 -10.20 -4.60
N PHE C 162 17.35 -11.15 -4.43
CA PHE C 162 17.28 -11.93 -3.18
C PHE C 162 17.84 -13.35 -3.28
N SER C 163 18.04 -13.87 -4.48
CA SER C 163 18.54 -15.25 -4.69
C SER C 163 19.99 -15.44 -4.24
N THR C 164 20.37 -16.69 -4.08
CA THR C 164 21.64 -17.11 -3.53
C THR C 164 22.21 -18.21 -4.44
N GLY C 165 23.52 -18.49 -4.30
CA GLY C 165 24.14 -19.66 -4.91
C GLY C 165 23.84 -19.75 -6.40
N ASP C 166 23.20 -20.86 -6.80
CA ASP C 166 22.97 -21.14 -8.22
C ASP C 166 21.71 -20.51 -8.81
N SER C 167 20.69 -20.26 -7.98
CA SER C 167 19.58 -19.44 -8.40
C SER C 167 20.13 -18.11 -8.90
N LYS C 168 20.98 -17.49 -8.08
CA LYS C 168 21.51 -16.17 -8.43
C LYS C 168 22.25 -16.20 -9.75
N GLN C 169 23.16 -17.17 -9.92
CA GLN C 169 23.91 -17.32 -11.18
C GLN C 169 22.98 -17.44 -12.40
N SER C 170 21.95 -18.29 -12.25
CA SER C 170 20.98 -18.59 -13.30
C SER C 170 20.17 -17.37 -13.74
N SER C 171 19.54 -16.72 -12.79
CA SER C 171 18.77 -15.57 -13.07
C SER C 171 19.70 -14.41 -13.53
N ALA C 172 20.88 -14.28 -12.91
CA ALA C 172 21.88 -13.32 -13.42
C ALA C 172 22.19 -13.56 -14.91
N GLU C 173 22.34 -14.82 -15.30
CA GLU C 173 22.69 -15.12 -16.71
C GLU C 173 21.53 -14.83 -17.69
N ASP C 174 20.29 -15.09 -17.25
CA ASP C 174 19.13 -14.82 -18.12
C ASP C 174 18.84 -13.32 -18.21
N ALA C 175 19.09 -12.60 -17.14
CA ALA C 175 18.90 -11.16 -17.21
C ALA C 175 19.91 -10.54 -18.19
N LEU C 176 21.16 -10.98 -18.04
CA LEU C 176 22.25 -10.50 -18.86
C LEU C 176 21.93 -10.71 -20.33
N LYS C 177 21.49 -11.93 -20.65
CA LYS C 177 21.17 -12.29 -22.02
C LYS C 177 20.03 -11.45 -22.55
N ALA C 178 18.97 -11.29 -21.75
CA ALA C 178 17.82 -10.48 -22.09
C ALA C 178 18.20 -9.01 -22.38
N TYR C 179 19.09 -8.44 -21.56
CA TYR C 179 19.51 -7.06 -21.77
C TYR C 179 20.39 -6.91 -23.01
N LYS C 180 21.23 -7.92 -23.26
CA LYS C 180 22.07 -8.01 -24.45
C LYS C 180 21.22 -8.06 -25.70
N ASP C 181 20.24 -8.97 -25.67
CA ASP C 181 19.28 -9.12 -26.73
C ASP C 181 18.55 -7.81 -26.94
N ALA C 182 18.21 -7.14 -25.85
CA ALA C 182 17.53 -5.87 -25.98
C ALA C 182 18.48 -4.82 -26.53
N THR C 183 19.77 -4.92 -26.15
CA THR C 183 20.76 -3.95 -26.58
C THR C 183 20.97 -4.05 -28.08
N VAL C 184 21.04 -5.28 -28.56
CA VAL C 184 21.19 -5.55 -29.98
C VAL C 184 20.08 -4.86 -30.80
N VAL C 185 18.83 -5.04 -30.40
CA VAL C 185 17.72 -4.39 -31.12
C VAL C 185 17.74 -2.86 -30.98
N ALA C 186 18.03 -2.37 -29.77
CA ALA C 186 18.02 -0.94 -29.45
C ALA C 186 18.90 -0.08 -30.35
N LYS C 187 19.99 -0.66 -30.87
CA LYS C 187 20.81 0.06 -31.86
C LYS C 187 19.99 0.63 -33.05
N ASP C 188 18.76 0.14 -33.25
CA ASP C 188 17.86 0.64 -34.31
C ASP C 188 16.99 1.82 -33.88
N LEU C 189 17.18 2.26 -32.65
CA LEU C 189 16.46 3.39 -32.11
C LEU C 189 17.45 4.54 -31.96
N GLU C 190 16.97 5.76 -32.04
CA GLU C 190 17.83 6.93 -31.92
C GLU C 190 18.39 6.96 -30.49
N PRO C 191 19.64 7.43 -30.31
CA PRO C 191 20.24 7.48 -28.95
C PRO C 191 19.42 8.24 -27.89
N THR C 192 18.45 9.05 -28.32
CA THR C 192 17.63 9.83 -27.41
C THR C 192 16.24 9.19 -27.24
N HIS C 193 15.99 8.06 -27.90
CA HIS C 193 14.69 7.39 -27.78
C HIS C 193 14.53 6.95 -26.32
N PRO C 194 13.43 7.38 -25.65
CA PRO C 194 13.24 7.01 -24.24
C PRO C 194 13.36 5.51 -23.93
N ILE C 195 12.88 4.65 -24.84
CA ILE C 195 12.98 3.21 -24.56
C ILE C 195 14.44 2.73 -24.60
N ARG C 196 15.27 3.40 -25.40
CA ARG C 196 16.68 3.02 -25.52
C ARG C 196 17.46 3.46 -24.27
N LEU C 197 17.13 4.65 -23.78
CA LEU C 197 17.73 5.20 -22.60
C LEU C 197 17.36 4.37 -21.36
N GLY C 198 16.10 3.97 -21.25
CA GLY C 198 15.61 3.24 -20.08
C GLY C 198 16.32 1.90 -19.97
N LEU C 199 16.54 1.29 -21.12
CA LEU C 199 17.28 0.05 -21.13
C LEU C 199 18.68 0.25 -20.55
N ALA C 200 19.36 1.33 -20.96
CA ALA C 200 20.74 1.57 -20.52
C ALA C 200 20.73 1.86 -19.01
N LEU C 201 19.68 2.55 -18.58
CA LEU C 201 19.53 2.86 -17.19
C LEU C 201 19.51 1.54 -16.39
N ASN C 202 18.52 0.67 -16.66
CA ASN C 202 18.36 -0.63 -15.96
C ASN C 202 19.53 -1.60 -16.26
N PHE C 203 19.96 -1.67 -17.52
CA PHE C 203 21.12 -2.52 -17.84
C PHE C 203 22.31 -2.08 -16.97
N SER C 204 22.56 -0.78 -16.81
CA SER C 204 23.75 -0.39 -16.03
C SER C 204 23.56 -0.72 -14.56
N VAL C 205 22.32 -0.57 -14.07
CA VAL C 205 22.00 -0.92 -12.70
C VAL C 205 22.27 -2.42 -12.43
N PHE C 206 21.76 -3.24 -13.33
CA PHE C 206 22.06 -4.66 -13.32
C PHE C 206 23.54 -4.90 -13.15
N HIS C 207 24.37 -4.28 -13.99
CA HIS C 207 25.81 -4.54 -13.92
C HIS C 207 26.37 -4.21 -12.54
N TYR C 208 25.97 -3.06 -12.00
CA TYR C 208 26.55 -2.54 -10.79
C TYR C 208 26.08 -3.37 -9.58
N GLU C 209 24.76 -3.53 -9.41
CA GLU C 209 24.24 -4.17 -8.23
C GLU C 209 24.31 -5.68 -8.18
N ILE C 210 24.16 -6.35 -9.34
CA ILE C 210 24.02 -7.78 -9.37
C ILE C 210 25.37 -8.41 -9.72
N LEU C 211 25.95 -7.99 -10.84
CA LEU C 211 27.22 -8.53 -11.31
C LEU C 211 28.39 -7.93 -10.54
N ASN C 212 28.16 -6.81 -9.84
CA ASN C 212 29.24 -6.14 -9.10
C ASN C 212 30.39 -5.85 -10.06
N GLU C 213 30.05 -5.22 -11.17
CA GLU C 213 31.02 -4.80 -12.14
C GLU C 213 30.88 -3.29 -12.26
N PRO C 214 31.44 -2.53 -11.30
CA PRO C 214 31.23 -1.09 -11.37
C PRO C 214 31.74 -0.42 -12.67
N ARG C 215 32.85 -0.91 -13.25
CA ARG C 215 33.41 -0.25 -14.41
C ARG C 215 32.45 -0.35 -15.59
N ALA C 216 31.89 -1.53 -15.83
CA ALA C 216 31.02 -1.71 -16.99
C ALA C 216 29.69 -0.97 -16.82
N ALA C 217 29.24 -0.80 -15.57
CA ALA C 217 28.03 0.03 -15.26
C ALA C 217 28.28 1.49 -15.60
N ILE C 218 29.37 2.03 -15.05
CA ILE C 218 29.71 3.43 -15.26
C ILE C 218 29.81 3.73 -16.77
N ASP C 219 30.56 2.91 -17.50
CA ASP C 219 30.71 3.08 -18.94
C ASP C 219 29.42 3.03 -19.68
N MET C 220 28.61 2.03 -19.38
CA MET C 220 27.37 1.88 -20.09
C MET C 220 26.52 3.14 -19.89
N ALA C 221 26.35 3.58 -18.64
CA ALA C 221 25.53 4.73 -18.33
C ALA C 221 26.14 6.01 -18.92
N LYS C 222 27.47 6.13 -18.82
CA LYS C 222 28.17 7.29 -19.35
C LYS C 222 27.91 7.36 -20.87
N GLU C 223 28.08 6.22 -21.54
CA GLU C 223 27.93 6.15 -22.99
C GLU C 223 26.51 6.56 -23.37
N ALA C 224 25.51 5.88 -22.80
CA ALA C 224 24.12 6.24 -23.08
C ALA C 224 23.84 7.74 -22.90
N PHE C 225 24.41 8.33 -21.86
CA PHE C 225 24.12 9.71 -21.53
C PHE C 225 24.83 10.66 -22.53
N GLU C 226 26.11 10.38 -22.83
CA GLU C 226 26.88 11.21 -23.75
C GLU C 226 26.35 11.15 -25.18
N MET C 227 25.99 9.95 -25.60
CA MET C 227 25.36 9.74 -26.88
C MET C 227 24.06 10.53 -26.97
N ALA C 228 23.29 10.62 -25.88
CA ALA C 228 22.05 11.40 -25.92
C ALA C 228 22.31 12.90 -25.94
N ILE C 229 23.26 13.35 -25.15
CA ILE C 229 23.56 14.77 -25.06
C ILE C 229 24.00 15.30 -26.43
N GLU C 230 24.87 14.53 -27.10
CA GLU C 230 25.32 14.80 -28.48
C GLU C 230 24.17 15.03 -29.46
N GLN C 231 22.95 14.67 -29.05
CA GLN C 231 21.78 14.82 -29.92
C GLN C 231 20.53 15.49 -29.33
N LEU C 232 20.59 16.00 -28.10
CA LEU C 232 19.45 16.74 -27.51
C LEU C 232 18.91 17.86 -28.40
N ASP C 233 19.82 18.54 -29.11
CA ASP C 233 19.47 19.63 -30.04
C ASP C 233 18.61 19.18 -31.24
N LYS C 234 18.84 17.95 -31.70
CA LYS C 234 18.09 17.38 -32.81
C LYS C 234 16.82 16.67 -32.31
N LEU C 235 16.03 17.39 -31.49
CA LEU C 235 14.74 16.93 -30.94
C LEU C 235 13.73 18.08 -30.96
N SER C 236 12.44 17.76 -30.83
CA SER C 236 11.37 18.78 -30.83
C SER C 236 10.78 19.10 -29.43
N GLU C 237 10.15 20.29 -29.34
CA GLU C 237 9.49 20.79 -28.11
C GLU C 237 8.69 19.74 -27.32
N ASP C 238 7.74 19.09 -27.99
CA ASP C 238 6.82 18.15 -27.35
C ASP C 238 7.38 16.74 -27.13
N CYS C 239 8.71 16.58 -27.16
CA CYS C 239 9.30 15.24 -27.10
C CYS C 239 10.54 15.11 -26.21
N TYR C 240 11.20 16.23 -25.91
CA TYR C 240 12.53 16.22 -25.23
C TYR C 240 12.55 15.94 -23.72
N LYS C 241 11.42 16.10 -23.04
CA LYS C 241 11.36 15.93 -21.59
C LYS C 241 11.32 14.45 -21.18
N ASP C 242 10.61 13.62 -21.96
CA ASP C 242 10.65 12.14 -21.84
C ASP C 242 12.07 11.62 -21.87
N SER C 243 12.87 12.23 -22.73
CA SER C 243 14.29 11.93 -22.84
C SER C 243 15.07 12.46 -21.66
N THR C 244 14.91 13.74 -21.32
CA THR C 244 15.72 14.31 -20.26
C THR C 244 15.40 13.68 -18.91
N LEU C 245 14.15 13.28 -18.66
CA LEU C 245 13.75 12.62 -17.40
C LEU C 245 14.76 11.51 -17.14
N ILE C 246 14.95 10.67 -18.15
CA ILE C 246 15.78 9.49 -18.04
C ILE C 246 17.28 9.79 -18.12
N MET C 247 17.68 10.78 -18.90
CA MET C 247 19.11 11.13 -18.96
C MET C 247 19.54 11.63 -17.60
N GLN C 248 18.59 12.27 -16.91
CA GLN C 248 18.77 12.73 -15.56
C GLN C 248 19.01 11.61 -14.55
N LEU C 249 18.19 10.56 -14.58
CA LEU C 249 18.45 9.41 -13.71
C LEU C 249 19.82 8.82 -14.03
N LEU C 250 20.23 8.91 -15.30
CA LEU C 250 21.52 8.34 -15.67
C LEU C 250 22.62 9.13 -14.98
N ARG C 251 22.51 10.47 -14.95
CA ARG C 251 23.55 11.30 -14.32
C ARG C 251 23.57 11.10 -12.82
N ASP C 252 22.38 10.99 -12.23
CA ASP C 252 22.26 10.80 -10.81
C ASP C 252 22.95 9.50 -10.40
N ASN C 253 22.77 8.42 -11.18
CA ASN C 253 23.47 7.19 -10.83
C ASN C 253 25.00 7.35 -10.97
N LEU C 254 25.45 7.95 -12.08
CA LEU C 254 26.87 8.21 -12.27
C LEU C 254 27.48 8.98 -11.10
N THR C 255 26.76 10.01 -10.62
CA THR C 255 27.20 10.83 -9.50
C THR C 255 27.37 9.97 -8.25
N LEU C 256 26.34 9.25 -7.86
CA LEU C 256 26.47 8.25 -6.82
C LEU C 256 27.68 7.31 -7.02
N TRP C 257 27.86 6.76 -8.23
CA TRP C 257 28.84 5.67 -8.47
C TRP C 257 30.30 6.10 -8.50
N THR C 258 30.54 7.36 -8.87
CA THR C 258 31.90 7.86 -9.12
C THR C 258 32.34 8.55 -7.82
N ALA C 259 33.35 7.97 -7.15
CA ALA C 259 33.68 8.21 -5.72
C ALA C 259 32.98 9.40 -5.06
N ARG D 1 20.81 1.53 -3.92
CA ARG D 1 20.48 2.96 -3.87
C ARG D 1 20.47 3.69 -5.22
N ALA D 2 20.87 3.02 -6.31
CA ALA D 2 20.74 3.59 -7.67
C ALA D 2 19.29 3.47 -8.15
N ILE D 3 18.79 4.49 -8.84
CA ILE D 3 17.39 4.44 -9.26
C ILE D 3 17.35 3.63 -10.55
N LEU D 5 14.51 2.53 -13.84
CA LEU D 5 13.42 3.21 -14.54
C LEU D 5 12.11 3.25 -13.71
N PRO D 6 11.56 4.45 -13.50
CA PRO D 6 10.27 4.41 -12.80
C PRO D 6 9.24 3.67 -13.67
#